data_7G9Y
#
_entry.id   7G9Y
#
_cell.length_a   53.859
_cell.length_b   69.668
_cell.length_c   57.581
_cell.angle_alpha   90.000
_cell.angle_beta   93.060
_cell.angle_gamma   90.000
#
_symmetry.space_group_name_H-M   'P 1 21 1'
#
loop_
_entity.id
_entity.type
_entity.pdbx_description
1 polymer 'Serine protease NS3'
2 non-polymer 1,2-ETHANEDIOL
3 non-polymer 'PHOSPHATE ION'
4 non-polymer 2-tert-butyl-5,6,7,8-tetrahydropyrido[4,3-d]pyrimidine
5 non-polymer DI(HYDROXYETHYL)ETHER
6 water water
#
_entity_poly.entity_id   1
_entity_poly.type   'polypeptide(L)'
_entity_poly.pdbx_seq_one_letter_code
;MLKKKQLTVLDLHPGAGKTRRVLPEIVREAIKKRLRTVILAPTRVVAAEMEEALRGLPVRYMTTAVNVTHSGTEIVDLMC
HATFTSRLLQPIRVPNYNLNIMDEAHFTDPSSIAARGYISTRVEMGEAAAIFMTATPPGTRDAFPDSNSPIMDTEVEVPE
RAWSSGFDWVTDHSGKTVWFVPSVRNGNEIAACLTKAGKRVIQLSRKTFETEFQKTKNQEWDFVITTDISEMGANFKADR
VIDSRRCLKPVILDGERVILAGPMPVTHASAAQRRGRIGRNPNKPGDEYMYGGGCAETDEGHAHWLEARMLLDNIYLQDG
LIASLYRPEADKVAAIEGEFKLRTEQRKTFVELMKRGDLPVWLAYQVASAGITYTDRRWCFDGTTNNTIMEDSVPAEVWT
KYGEKRVLKPRWMDARVCSDHAALKSFKEFAAGKR
;
_entity_poly.pdbx_strand_id   A
#
# COMPACT_ATOMS: atom_id res chain seq x y z
N MET A 1 -7.85 2.85 26.47
CA MET A 1 -7.44 3.36 25.16
C MET A 1 -8.38 4.49 24.69
N LEU A 2 -9.70 4.25 24.81
CA LEU A 2 -10.81 5.08 24.33
C LEU A 2 -10.91 6.49 24.93
N LYS A 3 -10.21 6.76 26.04
CA LYS A 3 -10.21 8.10 26.63
C LYS A 3 -9.41 9.06 25.76
N LYS A 4 -9.90 10.30 25.61
CA LYS A 4 -9.24 11.33 24.79
C LYS A 4 -7.72 11.50 25.09
N LYS A 5 -7.03 12.37 24.32
CA LYS A 5 -5.61 12.70 24.43
C LYS A 5 -4.66 11.49 24.38
N GLN A 6 -5.07 10.32 23.84
CA GLN A 6 -4.15 9.17 23.84
C GLN A 6 -4.11 8.31 22.56
N LEU A 7 -2.89 7.95 22.15
CA LEU A 7 -2.62 7.07 21.02
C LEU A 7 -2.04 5.76 21.59
N THR A 8 -2.71 4.66 21.32
CA THR A 8 -2.28 3.34 21.77
C THR A 8 -1.83 2.51 20.58
N VAL A 9 -0.74 1.74 20.74
CA VAL A 9 -0.29 0.86 19.66
C VAL A 9 -0.64 -0.59 20.06
N LEU A 10 -1.60 -1.22 19.38
CA LEU A 10 -1.96 -2.60 19.68
C LEU A 10 -0.99 -3.48 18.88
N ASP A 11 0.08 -3.97 19.54
CA ASP A 11 1.14 -4.69 18.85
C ASP A 11 1.16 -6.21 19.11
N LEU A 12 0.02 -6.89 19.05
CA LEU A 12 -0.02 -8.36 19.20
C LEU A 12 0.59 -9.00 17.95
N HIS A 13 1.29 -10.15 18.12
CA HIS A 13 1.93 -10.90 17.03
C HIS A 13 0.95 -11.22 15.89
N PRO A 14 1.44 -11.47 14.66
CA PRO A 14 0.53 -11.80 13.56
C PRO A 14 -0.31 -13.05 13.86
N GLY A 15 -1.62 -12.94 13.65
CA GLY A 15 -2.53 -14.03 13.90
C GLY A 15 -3.08 -14.09 15.31
N ALA A 16 -2.76 -13.08 16.16
CA ALA A 16 -3.25 -13.07 17.54
C ALA A 16 -4.74 -12.73 17.70
N GLY A 17 -5.37 -12.21 16.65
CA GLY A 17 -6.79 -11.89 16.68
C GLY A 17 -7.14 -10.43 16.86
N LYS A 18 -6.30 -9.53 16.35
CA LYS A 18 -6.55 -8.09 16.46
C LYS A 18 -7.84 -7.71 15.74
N THR A 19 -8.06 -8.25 14.53
CA THR A 19 -9.24 -7.92 13.74
C THR A 19 -10.52 -8.67 14.15
N ARG A 20 -10.43 -10.00 14.36
CA ARG A 20 -11.62 -10.79 14.67
C ARG A 20 -12.03 -10.82 16.15
N ARG A 21 -11.12 -10.51 17.06
CA ARG A 21 -11.43 -10.56 18.49
C ARG A 21 -11.33 -9.20 19.19
N VAL A 22 -10.22 -8.47 19.01
CA VAL A 22 -10.05 -7.19 19.71
C VAL A 22 -10.93 -6.06 19.11
N LEU A 23 -10.84 -5.85 17.79
CA LEU A 23 -11.63 -4.84 17.09
C LEU A 23 -13.15 -4.86 17.43
N PRO A 24 -13.87 -6.01 17.44
CA PRO A 24 -15.30 -5.97 17.81
C PRO A 24 -15.56 -5.47 19.24
N GLU A 25 -14.72 -5.86 20.21
CA GLU A 25 -14.80 -5.38 21.60
C GLU A 25 -14.59 -3.86 21.66
N ILE A 26 -13.62 -3.34 20.90
CA ILE A 26 -13.36 -1.90 20.85
C ILE A 26 -14.58 -1.15 20.31
N VAL A 27 -15.17 -1.69 19.22
CA VAL A 27 -16.37 -1.13 18.59
C VAL A 27 -17.58 -1.10 19.56
N ARG A 28 -17.81 -2.20 20.31
CA ARG A 28 -18.90 -2.24 21.29
C ARG A 28 -18.71 -1.16 22.35
N GLU A 29 -17.51 -1.04 22.91
CA GLU A 29 -17.21 -0.04 23.93
C GLU A 29 -17.37 1.37 23.36
N ALA A 30 -16.92 1.60 22.12
CA ALA A 30 -17.04 2.94 21.50
C ALA A 30 -18.51 3.39 21.28
N ILE A 31 -19.34 2.46 20.77
CA ILE A 31 -20.77 2.68 20.56
C ILE A 31 -21.45 2.96 21.93
N LYS A 32 -21.13 2.16 22.97
CA LYS A 32 -21.65 2.32 24.32
C LYS A 32 -21.33 3.70 24.88
N LYS A 33 -20.13 4.22 24.59
CA LYS A 33 -19.68 5.52 25.09
C LYS A 33 -20.02 6.71 24.21
N ARG A 34 -20.75 6.47 23.11
CA ARG A 34 -21.13 7.49 22.14
C ARG A 34 -19.93 8.24 21.60
N LEU A 35 -18.98 7.48 21.08
CA LEU A 35 -17.79 8.03 20.47
C LEU A 35 -17.99 7.89 18.96
N ARG A 36 -17.95 9.00 18.23
CA ARG A 36 -17.99 9.03 16.77
C ARG A 36 -16.64 8.39 16.35
N THR A 37 -16.71 7.22 15.69
CA THR A 37 -15.54 6.40 15.41
C THR A 37 -15.29 6.10 13.95
N VAL A 38 -14.01 6.08 13.55
CA VAL A 38 -13.64 5.68 12.21
C VAL A 38 -12.72 4.47 12.33
N ILE A 39 -12.98 3.44 11.50
CA ILE A 39 -12.19 2.24 11.34
C ILE A 39 -11.56 2.33 9.94
N LEU A 40 -10.24 2.31 9.87
CA LEU A 40 -9.51 2.44 8.63
C LEU A 40 -8.87 1.11 8.19
N ALA A 41 -9.33 0.55 7.05
CA ALA A 41 -8.83 -0.71 6.47
C ALA A 41 -7.76 -0.41 5.41
N PRO A 42 -6.67 -1.19 5.31
CA PRO A 42 -5.65 -0.90 4.28
C PRO A 42 -6.17 -1.12 2.86
N THR A 43 -7.00 -2.17 2.64
CA THR A 43 -7.51 -2.56 1.33
C THR A 43 -9.03 -2.95 1.38
N ARG A 44 -9.66 -3.07 0.19
CA ARG A 44 -11.05 -3.47 0.07
CA ARG A 44 -11.05 -3.48 0.09
C ARG A 44 -11.25 -4.92 0.57
N VAL A 45 -10.19 -5.77 0.46
CA VAL A 45 -10.25 -7.16 0.91
C VAL A 45 -10.34 -7.19 2.44
N VAL A 46 -9.52 -6.36 3.13
CA VAL A 46 -9.56 -6.29 4.59
C VAL A 46 -10.91 -5.69 5.05
N ALA A 47 -11.48 -4.73 4.30
CA ALA A 47 -12.78 -4.15 4.63
C ALA A 47 -13.86 -5.25 4.59
N ALA A 48 -13.79 -6.18 3.64
CA ALA A 48 -14.73 -7.30 3.55
C ALA A 48 -14.55 -8.25 4.73
N GLU A 49 -13.31 -8.48 5.19
CA GLU A 49 -13.00 -9.34 6.34
C GLU A 49 -13.50 -8.72 7.66
N MET A 50 -13.32 -7.42 7.78
CA MET A 50 -13.78 -6.65 8.93
C MET A 50 -15.30 -6.70 9.02
N GLU A 51 -16.03 -6.64 7.87
CA GLU A 51 -17.49 -6.74 7.94
C GLU A 51 -17.92 -8.09 8.55
N GLU A 52 -17.20 -9.19 8.24
CA GLU A 52 -17.53 -10.49 8.82
C GLU A 52 -17.31 -10.49 10.34
N ALA A 53 -16.21 -9.90 10.81
CA ALA A 53 -15.92 -9.85 12.23
C ALA A 53 -16.88 -8.90 12.97
N LEU A 54 -17.35 -7.84 12.31
CA LEU A 54 -18.24 -6.86 12.94
C LEU A 54 -19.73 -7.06 12.61
N ARG A 55 -20.08 -8.15 11.91
CA ARG A 55 -21.44 -8.43 11.48
C ARG A 55 -22.48 -8.32 12.59
N GLY A 56 -23.46 -7.43 12.38
CA GLY A 56 -24.50 -7.22 13.37
C GLY A 56 -24.42 -5.85 14.01
N LEU A 57 -23.19 -5.45 14.42
CA LEU A 57 -22.89 -4.15 15.02
C LEU A 57 -23.29 -3.02 14.05
N PRO A 58 -23.79 -1.88 14.57
CA PRO A 58 -24.16 -0.78 13.66
C PRO A 58 -22.94 -0.03 13.10
N VAL A 59 -22.41 -0.52 11.99
CA VAL A 59 -21.27 0.10 11.33
C VAL A 59 -21.64 0.50 9.91
N ARG A 60 -21.29 1.75 9.53
CA ARG A 60 -21.55 2.31 8.22
C ARG A 60 -20.33 2.09 7.31
N TYR A 61 -20.46 1.20 6.35
CA TYR A 61 -19.41 0.83 5.42
C TYR A 61 -19.32 1.78 4.23
N MET A 62 -18.36 2.69 4.28
CA MET A 62 -18.15 3.64 3.21
C MET A 62 -17.18 3.08 2.18
N THR A 63 -17.58 1.96 1.55
CA THR A 63 -16.82 1.23 0.53
C THR A 63 -17.77 0.37 -0.30
N THR A 64 -17.45 0.20 -1.60
CA THR A 64 -18.28 -0.67 -2.45
C THR A 64 -17.88 -2.16 -2.35
N ALA A 65 -16.87 -2.49 -1.54
CA ALA A 65 -16.45 -3.87 -1.30
C ALA A 65 -17.44 -4.64 -0.43
N VAL A 66 -18.34 -3.94 0.27
CA VAL A 66 -19.34 -4.52 1.13
C VAL A 66 -20.73 -4.11 0.61
N ASN A 67 -21.66 -5.07 0.50
CA ASN A 67 -23.02 -4.76 0.04
C ASN A 67 -23.95 -4.81 1.24
N VAL A 68 -23.99 -3.73 2.03
CA VAL A 68 -24.86 -3.69 3.20
C VAL A 68 -25.79 -2.48 3.21
N THR A 69 -27.05 -2.73 3.62
CA THR A 69 -28.04 -1.67 3.74
C THR A 69 -27.81 -0.87 5.05
N HIS A 70 -27.34 0.39 4.93
CA HIS A 70 -27.11 1.21 6.11
C HIS A 70 -28.40 1.83 6.64
N SER A 71 -28.68 1.61 7.93
CA SER A 71 -29.89 2.07 8.60
C SER A 71 -29.95 3.58 8.86
N GLY A 72 -28.81 4.24 8.87
CA GLY A 72 -28.76 5.67 9.17
C GLY A 72 -28.53 5.97 10.65
N THR A 73 -28.54 4.94 11.52
CA THR A 73 -28.34 5.03 12.97
C THR A 73 -26.85 4.81 13.41
N GLU A 74 -25.94 4.63 12.46
CA GLU A 74 -24.53 4.37 12.78
C GLU A 74 -23.70 5.60 13.22
N ILE A 75 -22.95 5.47 14.32
CA ILE A 75 -21.94 6.47 14.75
C ILE A 75 -20.48 5.94 14.46
N VAL A 76 -20.33 4.76 13.84
CA VAL A 76 -19.05 4.17 13.48
C VAL A 76 -18.97 4.02 11.96
N ASP A 77 -17.94 4.62 11.34
CA ASP A 77 -17.74 4.54 9.90
C ASP A 77 -16.52 3.67 9.60
N LEU A 78 -16.56 2.89 8.54
CA LEU A 78 -15.46 2.06 8.13
C LEU A 78 -15.12 2.43 6.70
N MET A 79 -13.85 2.79 6.46
CA MET A 79 -13.38 3.12 5.11
C MET A 79 -11.90 2.72 4.93
N CYS A 80 -11.42 2.70 3.69
CA CYS A 80 -10.01 2.41 3.43
C CYS A 80 -9.11 3.58 3.84
N HIS A 81 -7.82 3.33 4.13
CA HIS A 81 -6.83 4.38 4.48
C HIS A 81 -6.83 5.51 3.42
N ALA A 82 -6.79 5.13 2.12
CA ALA A 82 -6.78 6.06 0.96
C ALA A 82 -8.07 6.91 0.87
N THR A 83 -9.26 6.34 1.17
CA THR A 83 -10.54 7.06 1.16
C THR A 83 -10.54 8.15 2.21
N PHE A 84 -10.03 7.84 3.41
CA PHE A 84 -9.92 8.79 4.50
C PHE A 84 -9.10 10.03 4.07
N THR A 85 -7.89 9.79 3.52
CA THR A 85 -6.96 10.82 3.05
C THR A 85 -7.54 11.61 1.87
N SER A 86 -8.18 10.90 0.95
CA SER A 86 -8.84 11.53 -0.19
C SER A 86 -9.96 12.49 0.25
N ARG A 87 -10.82 12.06 1.19
CA ARG A 87 -11.89 12.91 1.69
C ARG A 87 -11.33 14.10 2.42
N LEU A 88 -10.21 13.92 3.18
CA LEU A 88 -9.54 15.03 3.87
C LEU A 88 -9.07 16.07 2.82
N LEU A 89 -8.50 15.61 1.72
CA LEU A 89 -8.02 16.48 0.64
C LEU A 89 -9.13 17.22 -0.14
N GLN A 90 -10.27 16.56 -0.37
CA GLN A 90 -11.40 17.09 -1.14
C GLN A 90 -12.23 18.14 -0.38
N PRO A 91 -13.02 19.00 -1.11
CA PRO A 91 -13.87 19.98 -0.42
C PRO A 91 -15.12 19.25 0.06
N ILE A 92 -15.01 18.63 1.23
CA ILE A 92 -16.04 17.86 1.89
C ILE A 92 -15.67 17.79 3.35
N ARG A 93 -16.63 18.06 4.23
CA ARG A 93 -16.40 18.01 5.64
C ARG A 93 -16.29 16.55 6.08
N VAL A 94 -15.17 16.24 6.72
CA VAL A 94 -14.96 14.90 7.27
C VAL A 94 -15.26 15.07 8.74
N PRO A 95 -16.08 14.21 9.36
CA PRO A 95 -16.34 14.37 10.81
C PRO A 95 -15.02 14.38 11.62
N ASN A 96 -14.98 15.15 12.71
CA ASN A 96 -13.82 15.15 13.59
C ASN A 96 -13.99 13.96 14.56
N TYR A 97 -13.65 12.74 14.10
CA TYR A 97 -13.81 11.51 14.87
C TYR A 97 -13.16 11.53 16.25
N ASN A 98 -13.94 11.17 17.27
CA ASN A 98 -13.47 11.13 18.66
C ASN A 98 -12.46 9.99 18.87
N LEU A 99 -12.64 8.88 18.12
CA LEU A 99 -11.81 7.70 18.16
C LEU A 99 -11.42 7.30 16.74
N ASN A 100 -10.12 7.12 16.52
CA ASN A 100 -9.58 6.78 15.18
C ASN A 100 -8.85 5.46 15.26
N ILE A 101 -9.40 4.40 14.66
CA ILE A 101 -8.78 3.08 14.71
C ILE A 101 -8.19 2.75 13.34
N MET A 102 -6.89 2.46 13.28
CA MET A 102 -6.27 2.08 12.02
C MET A 102 -5.78 0.63 12.06
N ASP A 103 -6.37 -0.25 11.23
CA ASP A 103 -5.87 -1.60 11.12
C ASP A 103 -4.71 -1.62 10.11
N GLU A 104 -3.71 -2.48 10.35
CA GLU A 104 -2.48 -2.63 9.56
C GLU A 104 -1.80 -1.29 9.44
N ALA A 105 -1.61 -0.63 10.60
CA ALA A 105 -1.00 0.69 10.71
C ALA A 105 0.49 0.75 10.33
N HIS A 106 1.03 -0.35 9.79
CA HIS A 106 2.40 -0.38 9.30
C HIS A 106 2.49 -0.04 7.78
N PHE A 107 1.33 -0.03 7.06
CA PHE A 107 1.22 0.24 5.62
C PHE A 107 1.99 1.51 5.23
N THR A 108 2.94 1.39 4.30
CA THR A 108 3.81 2.52 3.94
C THR A 108 3.45 3.24 2.64
N ASP A 109 2.23 3.02 2.12
CA ASP A 109 1.80 3.79 0.94
C ASP A 109 1.59 5.25 1.39
N PRO A 110 1.90 6.23 0.52
CA PRO A 110 1.79 7.65 0.95
C PRO A 110 0.49 8.05 1.67
N SER A 111 -0.65 7.55 1.22
CA SER A 111 -1.93 7.90 1.86
C SER A 111 -2.10 7.30 3.27
N SER A 112 -1.43 6.18 3.56
CA SER A 112 -1.47 5.61 4.92
C SER A 112 -0.62 6.43 5.89
N ILE A 113 0.59 6.80 5.45
CA ILE A 113 1.54 7.62 6.22
C ILE A 113 0.87 8.96 6.55
N ALA A 114 0.21 9.61 5.55
CA ALA A 114 -0.50 10.88 5.74
C ALA A 114 -1.67 10.71 6.73
N ALA A 115 -2.48 9.64 6.63
CA ALA A 115 -3.57 9.39 7.58
C ALA A 115 -3.00 9.27 9.03
N ARG A 116 -1.86 8.54 9.19
CA ARG A 116 -1.21 8.42 10.51
C ARG A 116 -0.75 9.76 11.05
N GLY A 117 -0.26 10.63 10.16
CA GLY A 117 0.25 11.93 10.58
C GLY A 117 -0.85 12.88 11.03
N TYR A 118 -1.93 12.93 10.23
CA TYR A 118 -3.13 13.71 10.56
C TYR A 118 -3.73 13.20 11.90
N ILE A 119 -3.96 11.88 12.04
CA ILE A 119 -4.56 11.35 13.26
C ILE A 119 -3.70 11.61 14.51
N SER A 120 -2.39 11.31 14.44
CA SER A 120 -1.48 11.52 15.58
C SER A 120 -1.37 13.01 15.95
N THR A 121 -1.48 13.91 14.97
CA THR A 121 -1.44 15.35 15.28
C THR A 121 -2.66 15.75 16.10
N ARG A 122 -3.86 15.26 15.70
CA ARG A 122 -5.11 15.50 16.41
C ARG A 122 -5.00 15.00 17.85
N VAL A 123 -4.40 13.81 18.03
CA VAL A 123 -4.16 13.22 19.36
C VAL A 123 -3.20 14.11 20.20
N GLU A 124 -2.10 14.58 19.59
CA GLU A 124 -1.12 15.46 20.21
C GLU A 124 -1.78 16.78 20.67
N MET A 125 -2.73 17.32 19.87
CA MET A 125 -3.52 18.51 20.23
C MET A 125 -4.58 18.23 21.35
N GLY A 126 -4.74 16.97 21.76
CA GLY A 126 -5.72 16.54 22.74
C GLY A 126 -7.15 16.56 22.25
N GLU A 127 -7.34 16.50 20.91
CA GLU A 127 -8.68 16.56 20.30
C GLU A 127 -9.31 15.19 20.02
N ALA A 128 -8.53 14.10 20.05
CA ALA A 128 -9.06 12.77 19.72
C ALA A 128 -8.21 11.65 20.34
N ALA A 129 -8.73 10.40 20.34
CA ALA A 129 -8.02 9.21 20.79
C ALA A 129 -7.71 8.40 19.52
N ALA A 130 -6.72 7.51 19.58
CA ALA A 130 -6.37 6.69 18.44
C ALA A 130 -5.81 5.36 18.85
N ILE A 131 -6.05 4.35 18.02
CA ILE A 131 -5.53 3.01 18.18
C ILE A 131 -4.89 2.59 16.81
N PHE A 132 -3.59 2.27 16.82
CA PHE A 132 -2.90 1.82 15.63
C PHE A 132 -2.65 0.32 15.81
N MET A 133 -3.32 -0.51 15.02
CA MET A 133 -3.22 -1.95 15.14
C MET A 133 -2.22 -2.51 14.13
N THR A 134 -1.14 -3.12 14.64
CA THR A 134 -0.09 -3.77 13.85
C THR A 134 0.87 -4.59 14.72
N ALA A 135 1.24 -5.75 14.21
CA ALA A 135 2.28 -6.55 14.84
C ALA A 135 3.64 -5.87 14.68
N THR A 136 3.82 -5.02 13.64
CA THR A 136 5.09 -4.39 13.35
C THR A 136 5.02 -2.86 13.31
N PRO A 137 4.95 -2.19 14.48
CA PRO A 137 4.89 -0.71 14.47
C PRO A 137 6.18 -0.06 13.94
N PRO A 138 6.14 1.22 13.52
CA PRO A 138 7.35 1.85 12.98
C PRO A 138 8.50 1.81 13.98
N GLY A 139 9.63 1.24 13.57
CA GLY A 139 10.78 1.06 14.45
C GLY A 139 11.12 -0.38 14.78
N THR A 140 10.31 -1.35 14.35
CA THR A 140 10.53 -2.76 14.68
C THR A 140 11.80 -3.33 14.03
N ARG A 141 12.58 -4.03 14.83
CA ARG A 141 13.83 -4.67 14.41
C ARG A 141 13.78 -6.19 14.52
N ASP A 142 12.60 -6.78 14.80
CA ASP A 142 12.48 -8.22 14.94
C ASP A 142 11.69 -8.78 13.73
N ALA A 143 12.40 -9.45 12.84
CA ALA A 143 11.78 -10.06 11.67
C ALA A 143 11.20 -11.47 11.97
N PHE A 144 11.41 -12.01 13.20
CA PHE A 144 10.87 -13.33 13.59
C PHE A 144 9.98 -13.26 14.87
N PRO A 145 8.84 -12.54 14.82
CA PRO A 145 7.98 -12.43 16.01
C PRO A 145 7.27 -13.74 16.36
N ASP A 146 6.44 -13.71 17.41
CA ASP A 146 5.69 -14.90 17.80
C ASP A 146 4.66 -15.30 16.72
N SER A 147 4.17 -16.54 16.81
CA SER A 147 3.16 -17.06 15.92
C SER A 147 2.24 -18.05 16.67
N ASN A 148 1.12 -18.43 16.08
CA ASN A 148 0.19 -19.38 16.70
C ASN A 148 0.75 -20.79 16.77
N SER A 149 1.54 -21.18 15.77
CA SER A 149 2.21 -22.48 15.80
C SER A 149 3.67 -22.33 15.32
N PRO A 150 4.58 -23.24 15.72
CA PRO A 150 5.99 -23.08 15.35
C PRO A 150 6.27 -23.02 13.85
N ILE A 151 7.23 -22.20 13.45
CA ILE A 151 7.63 -22.04 12.06
C ILE A 151 9.05 -22.53 11.81
N MET A 152 9.30 -23.27 10.71
CA MET A 152 10.66 -23.66 10.39
C MET A 152 11.26 -22.49 9.59
N ASP A 153 12.24 -21.78 10.13
CA ASP A 153 12.90 -20.67 9.40
C ASP A 153 14.17 -21.21 8.72
N THR A 154 14.35 -20.95 7.41
CA THR A 154 15.55 -21.44 6.72
C THR A 154 16.10 -20.40 5.78
N GLU A 155 17.33 -19.94 6.06
CA GLU A 155 18.03 -19.00 5.18
C GLU A 155 18.50 -19.83 4.01
N VAL A 156 18.06 -19.48 2.81
CA VAL A 156 18.41 -20.20 1.58
C VAL A 156 18.52 -19.21 0.37
N GLU A 157 19.20 -19.62 -0.71
CA GLU A 157 19.24 -18.81 -1.94
C GLU A 157 17.90 -19.02 -2.66
N VAL A 158 17.20 -17.92 -2.97
CA VAL A 158 15.89 -17.94 -3.60
C VAL A 158 16.00 -17.43 -5.02
N PRO A 159 15.46 -18.18 -6.00
CA PRO A 159 15.49 -17.69 -7.38
C PRO A 159 14.72 -16.38 -7.56
N GLU A 160 15.30 -15.49 -8.35
CA GLU A 160 14.68 -14.23 -8.76
C GLU A 160 14.51 -14.17 -10.32
N ARG A 161 14.75 -15.31 -11.01
CA ARG A 161 14.67 -15.49 -12.45
C ARG A 161 14.27 -16.95 -12.70
N ALA A 162 13.88 -17.28 -13.93
CA ALA A 162 13.59 -18.65 -14.32
C ALA A 162 14.85 -19.54 -14.16
N TRP A 163 14.66 -20.80 -13.77
CA TRP A 163 15.80 -21.69 -13.55
C TRP A 163 15.59 -23.04 -14.21
N SER A 164 16.68 -23.66 -14.64
CA SER A 164 16.62 -25.00 -15.23
C SER A 164 17.07 -26.06 -14.20
N SER A 165 17.87 -25.67 -13.19
CA SER A 165 18.36 -26.56 -12.15
C SER A 165 18.88 -25.78 -10.91
N GLY A 166 19.15 -26.50 -9.83
CA GLY A 166 19.72 -25.91 -8.62
C GLY A 166 18.74 -25.55 -7.53
N PHE A 167 17.42 -25.70 -7.77
CA PHE A 167 16.43 -25.31 -6.77
C PHE A 167 15.32 -26.36 -6.58
N ASP A 168 15.69 -27.66 -6.55
CA ASP A 168 14.74 -28.76 -6.41
C ASP A 168 13.71 -28.58 -5.29
N TRP A 169 14.14 -28.00 -4.15
CA TRP A 169 13.33 -27.75 -2.96
C TRP A 169 12.07 -26.90 -3.23
N VAL A 170 12.11 -26.03 -4.26
CA VAL A 170 10.98 -25.20 -4.66
C VAL A 170 9.82 -26.03 -5.26
N THR A 171 10.12 -26.83 -6.29
CA THR A 171 9.09 -27.64 -6.96
C THR A 171 8.80 -28.97 -6.26
N ASP A 172 9.75 -29.51 -5.49
CA ASP A 172 9.56 -30.75 -4.75
C ASP A 172 8.81 -30.46 -3.44
N HIS A 173 7.60 -29.95 -3.56
CA HIS A 173 6.77 -29.59 -2.43
C HIS A 173 5.34 -29.86 -2.82
N SER A 174 4.61 -30.55 -1.96
CA SER A 174 3.22 -30.90 -2.28
C SER A 174 2.18 -30.02 -1.58
N GLY A 175 2.60 -28.94 -0.95
CA GLY A 175 1.66 -28.05 -0.27
C GLY A 175 1.36 -26.81 -1.06
N LYS A 176 0.97 -25.73 -0.37
CA LYS A 176 0.67 -24.45 -1.00
C LYS A 176 1.71 -23.43 -0.53
N THR A 177 2.28 -22.66 -1.47
CA THR A 177 3.33 -21.67 -1.21
C THR A 177 2.93 -20.27 -1.63
N VAL A 178 3.24 -19.29 -0.77
CA VAL A 178 3.07 -17.88 -1.05
C VAL A 178 4.50 -17.35 -1.26
N TRP A 179 4.77 -16.76 -2.41
CA TRP A 179 6.11 -16.31 -2.77
C TRP A 179 6.13 -14.79 -2.97
N PHE A 180 6.89 -14.09 -2.13
CA PHE A 180 7.00 -12.64 -2.25
C PHE A 180 8.18 -12.29 -3.16
N VAL A 181 7.88 -11.68 -4.32
CA VAL A 181 8.86 -11.25 -5.32
C VAL A 181 9.10 -9.74 -5.23
N PRO A 182 10.25 -9.22 -5.73
CA PRO A 182 10.49 -7.76 -5.64
C PRO A 182 9.65 -6.91 -6.59
N SER A 183 9.12 -7.48 -7.69
CA SER A 183 8.36 -6.71 -8.67
C SER A 183 7.41 -7.57 -9.53
N VAL A 184 6.42 -6.92 -10.15
CA VAL A 184 5.45 -7.53 -11.06
C VAL A 184 6.17 -8.28 -12.20
N ARG A 185 7.15 -7.62 -12.87
CA ARG A 185 7.93 -8.21 -13.98
C ARG A 185 8.74 -9.45 -13.53
N ASN A 186 9.34 -9.41 -12.31
CA ASN A 186 10.06 -10.58 -11.79
CA ASN A 186 10.06 -10.53 -11.71
C ASN A 186 9.07 -11.69 -11.45
N GLY A 187 7.88 -11.34 -10.98
CA GLY A 187 6.83 -12.30 -10.69
C GLY A 187 6.35 -13.00 -11.96
N ASN A 188 6.19 -12.23 -13.07
CA ASN A 188 5.78 -12.82 -14.38
C ASN A 188 6.76 -13.90 -14.82
N GLU A 189 8.08 -13.64 -14.66
CA GLU A 189 9.12 -14.62 -15.05
C GLU A 189 9.07 -15.90 -14.21
N ILE A 190 9.05 -15.79 -12.88
CA ILE A 190 8.97 -16.97 -12.02
C ILE A 190 7.65 -17.73 -12.24
N ALA A 191 6.53 -16.99 -12.38
CA ALA A 191 5.21 -17.60 -12.66
C ALA A 191 5.25 -18.41 -13.94
N ALA A 192 5.86 -17.87 -15.02
CA ALA A 192 5.99 -18.60 -16.30
C ALA A 192 6.84 -19.86 -16.16
N CYS A 193 7.90 -19.80 -15.32
CA CYS A 193 8.79 -20.92 -15.07
C CYS A 193 8.08 -22.03 -14.26
N LEU A 194 7.28 -21.66 -13.25
CA LEU A 194 6.51 -22.61 -12.44
C LEU A 194 5.36 -23.18 -13.25
N THR A 195 4.70 -22.36 -14.08
CA THR A 195 3.60 -22.83 -14.93
C THR A 195 4.12 -23.88 -15.92
N LYS A 196 5.26 -23.60 -16.56
CA LYS A 196 5.87 -24.54 -17.51
C LYS A 196 6.19 -25.88 -16.85
N ALA A 197 6.54 -25.88 -15.54
CA ALA A 197 6.86 -27.10 -14.80
C ALA A 197 5.62 -27.89 -14.30
N GLY A 198 4.42 -27.43 -14.65
CA GLY A 198 3.18 -28.10 -14.26
C GLY A 198 2.45 -27.52 -13.06
N LYS A 199 2.85 -26.32 -12.60
CA LYS A 199 2.20 -25.73 -11.43
C LYS A 199 1.09 -24.74 -11.77
N ARG A 200 0.08 -24.64 -10.88
CA ARG A 200 -1.06 -23.70 -10.98
C ARG A 200 -0.67 -22.50 -10.19
N VAL A 201 -0.56 -21.34 -10.84
CA VAL A 201 -0.06 -20.14 -10.21
C VAL A 201 -1.03 -18.99 -10.31
N ILE A 202 -1.24 -18.28 -9.19
CA ILE A 202 -2.04 -17.06 -9.15
C ILE A 202 -1.07 -15.91 -8.85
N GLN A 203 -1.20 -14.75 -9.54
CA GLN A 203 -0.32 -13.60 -9.32
C GLN A 203 -1.08 -12.45 -8.71
N LEU A 204 -0.54 -11.78 -7.68
CA LEU A 204 -1.18 -10.63 -7.04
C LEU A 204 -0.28 -9.39 -7.07
N SER A 205 -0.88 -8.22 -7.27
CA SER A 205 -0.21 -6.92 -7.25
C SER A 205 -1.25 -5.85 -6.86
N ARG A 206 -0.80 -4.64 -6.51
CA ARG A 206 -1.72 -3.55 -6.13
C ARG A 206 -2.88 -3.33 -7.11
N LYS A 207 -2.60 -3.33 -8.42
CA LYS A 207 -3.62 -3.08 -9.43
C LYS A 207 -4.60 -4.23 -9.65
N THR A 208 -4.18 -5.48 -9.48
CA THR A 208 -5.06 -6.63 -9.71
C THR A 208 -5.54 -7.33 -8.43
N PHE A 209 -5.27 -6.74 -7.26
CA PHE A 209 -5.46 -7.33 -5.93
C PHE A 209 -6.86 -7.89 -5.58
N GLU A 210 -7.96 -7.12 -5.76
CA GLU A 210 -9.29 -7.63 -5.38
C GLU A 210 -9.78 -8.81 -6.23
N THR A 211 -9.60 -8.71 -7.55
CA THR A 211 -10.05 -9.72 -8.51
C THR A 211 -9.29 -11.05 -8.38
N GLU A 212 -7.96 -10.98 -8.34
CA GLU A 212 -7.13 -12.19 -8.29
C GLU A 212 -7.12 -12.86 -6.92
N PHE A 213 -7.29 -12.09 -5.83
CA PHE A 213 -7.32 -12.68 -4.49
C PHE A 213 -8.49 -13.65 -4.34
N GLN A 214 -9.64 -13.33 -4.97
CA GLN A 214 -10.84 -14.17 -4.97
C GLN A 214 -10.53 -15.59 -5.43
N LYS A 215 -9.64 -15.72 -6.44
CA LYS A 215 -9.21 -17.00 -7.00
C LYS A 215 -8.47 -17.90 -6.01
N THR A 216 -7.87 -17.32 -4.97
CA THR A 216 -7.17 -18.11 -3.97
C THR A 216 -8.15 -18.92 -3.10
N LYS A 217 -9.36 -18.38 -2.90
CA LYS A 217 -10.44 -19.01 -2.13
C LYS A 217 -11.39 -19.82 -3.04
N ASN A 218 -11.49 -19.43 -4.32
CA ASN A 218 -12.37 -20.02 -5.32
C ASN A 218 -11.76 -21.21 -6.10
N GLN A 219 -10.42 -21.37 -6.13
CA GLN A 219 -9.83 -22.50 -6.86
C GLN A 219 -8.57 -23.08 -6.20
N GLU A 220 -8.22 -24.31 -6.59
CA GLU A 220 -7.04 -25.01 -6.09
C GLU A 220 -5.80 -24.41 -6.76
N TRP A 221 -4.77 -24.12 -5.98
CA TRP A 221 -3.53 -23.53 -6.49
C TRP A 221 -2.31 -24.13 -5.80
N ASP A 222 -1.14 -24.05 -6.45
CA ASP A 222 0.11 -24.54 -5.88
C ASP A 222 0.95 -23.34 -5.39
N PHE A 223 0.96 -22.24 -6.14
CA PHE A 223 1.74 -21.07 -5.79
C PHE A 223 0.95 -19.80 -6.00
N VAL A 224 1.13 -18.84 -5.05
CA VAL A 224 0.64 -17.49 -5.16
C VAL A 224 1.95 -16.64 -5.29
N ILE A 225 2.12 -15.91 -6.39
CA ILE A 225 3.28 -15.08 -6.61
C ILE A 225 2.80 -13.65 -6.35
N THR A 226 3.35 -12.98 -5.33
CA THR A 226 2.86 -11.66 -4.98
C THR A 226 3.95 -10.65 -4.68
N THR A 227 3.62 -9.38 -4.90
CA THR A 227 4.46 -8.27 -4.53
C THR A 227 4.18 -7.98 -3.00
N ASP A 228 4.80 -6.95 -2.44
CA ASP A 228 4.65 -6.56 -1.04
C ASP A 228 3.21 -6.22 -0.59
N ILE A 229 2.21 -6.15 -1.51
CA ILE A 229 0.83 -5.79 -1.10
C ILE A 229 0.22 -6.83 -0.13
N SER A 230 0.62 -8.10 -0.26
CA SER A 230 0.08 -9.15 0.60
C SER A 230 0.59 -9.11 2.05
N GLU A 231 1.44 -8.13 2.39
CA GLU A 231 1.85 -7.87 3.78
C GLU A 231 0.73 -7.16 4.57
N MET A 232 -0.37 -6.73 3.89
CA MET A 232 -1.43 -5.95 4.51
C MET A 232 -2.70 -6.75 4.81
N GLY A 233 -2.57 -7.75 5.68
CA GLY A 233 -3.72 -8.53 6.12
C GLY A 233 -4.25 -9.59 5.19
N ALA A 234 -3.59 -9.80 4.03
CA ALA A 234 -4.03 -10.84 3.09
C ALA A 234 -3.81 -12.21 3.73
N ASN A 235 -4.88 -13.01 3.87
CA ASN A 235 -4.76 -14.32 4.50
C ASN A 235 -4.89 -15.47 3.50
N PHE A 236 -4.07 -16.52 3.69
CA PHE A 236 -4.03 -17.68 2.80
C PHE A 236 -4.04 -18.97 3.61
N LYS A 237 -4.48 -20.07 2.98
CA LYS A 237 -4.47 -21.38 3.64
C LYS A 237 -3.23 -22.07 3.07
N ALA A 238 -2.06 -21.65 3.53
CA ALA A 238 -0.80 -22.16 2.98
C ALA A 238 0.11 -22.79 4.05
N ASP A 239 1.09 -23.59 3.64
CA ASP A 239 2.06 -24.17 4.58
C ASP A 239 3.50 -23.69 4.34
N ARG A 240 3.70 -22.74 3.41
CA ARG A 240 5.05 -22.29 3.11
C ARG A 240 5.10 -20.88 2.53
N VAL A 241 6.07 -20.09 2.97
CA VAL A 241 6.34 -18.79 2.40
C VAL A 241 7.78 -18.83 1.86
N ILE A 242 7.95 -18.42 0.62
CA ILE A 242 9.24 -18.22 0.03
C ILE A 242 9.37 -16.69 -0.04
N ASP A 243 10.44 -16.15 0.52
CA ASP A 243 10.60 -14.70 0.56
C ASP A 243 11.97 -14.30 0.02
N SER A 244 11.97 -13.60 -1.13
CA SER A 244 13.22 -13.10 -1.70
C SER A 244 13.91 -12.11 -0.74
N ARG A 245 13.14 -11.46 0.17
CA ARG A 245 13.58 -10.43 1.12
C ARG A 245 13.98 -9.15 0.37
N ARG A 246 13.43 -8.94 -0.84
CA ARG A 246 13.76 -7.80 -1.68
C ARG A 246 12.53 -7.05 -2.17
N CYS A 247 12.71 -5.75 -2.42
CA CYS A 247 11.66 -4.85 -2.88
C CYS A 247 12.28 -3.78 -3.80
N LEU A 248 11.44 -3.13 -4.61
CA LEU A 248 11.90 -1.98 -5.39
C LEU A 248 11.61 -0.74 -4.54
N LYS A 249 12.46 0.28 -4.62
CA LYS A 249 12.28 1.48 -3.81
C LYS A 249 12.19 2.73 -4.70
N PRO A 250 11.07 3.48 -4.65
CA PRO A 250 11.03 4.73 -5.42
C PRO A 250 11.98 5.75 -4.77
N VAL A 251 12.86 6.37 -5.58
CA VAL A 251 13.84 7.33 -5.12
C VAL A 251 13.76 8.62 -5.99
N ILE A 252 13.69 9.77 -5.34
CA ILE A 252 13.67 11.05 -6.05
C ILE A 252 15.12 11.51 -6.24
N LEU A 253 15.60 11.51 -7.51
CA LEU A 253 16.96 11.95 -7.83
C LEU A 253 16.99 13.42 -8.11
N ASP A 254 17.85 14.17 -7.40
CA ASP A 254 18.04 15.61 -7.61
C ASP A 254 16.77 16.46 -7.65
N GLY A 255 15.68 16.00 -7.03
CA GLY A 255 14.41 16.70 -7.04
C GLY A 255 13.74 16.84 -8.40
N GLU A 256 14.30 16.16 -9.43
CA GLU A 256 13.85 16.24 -10.84
C GLU A 256 13.17 15.00 -11.41
N ARG A 257 13.42 13.81 -10.85
CA ARG A 257 12.90 12.57 -11.40
C ARG A 257 12.73 11.49 -10.32
N VAL A 258 11.96 10.45 -10.62
CA VAL A 258 11.78 9.33 -9.71
C VAL A 258 12.20 8.08 -10.43
N ILE A 259 13.07 7.27 -9.81
CA ILE A 259 13.50 6.00 -10.39
C ILE A 259 13.10 4.89 -9.41
N LEU A 260 13.04 3.66 -9.89
CA LEU A 260 12.75 2.51 -9.03
C LEU A 260 14.08 1.81 -8.78
N ALA A 261 14.72 2.14 -7.63
CA ALA A 261 16.01 1.59 -7.27
C ALA A 261 15.88 0.16 -6.74
N GLY A 262 16.93 -0.63 -6.95
CA GLY A 262 17.04 -2.00 -6.47
C GLY A 262 16.93 -3.07 -7.53
N PRO A 263 16.36 -4.24 -7.21
CA PRO A 263 15.81 -4.68 -5.92
C PRO A 263 16.78 -4.55 -4.74
N MET A 264 16.26 -4.14 -3.60
CA MET A 264 17.04 -3.97 -2.38
C MET A 264 16.35 -4.63 -1.17
N PRO A 265 17.07 -4.82 -0.03
CA PRO A 265 16.42 -5.47 1.13
C PRO A 265 15.13 -4.83 1.66
N VAL A 266 14.21 -5.68 2.11
CA VAL A 266 13.00 -5.19 2.77
C VAL A 266 13.35 -4.77 4.23
N THR A 267 12.44 -4.03 4.91
CA THR A 267 12.60 -3.68 6.31
C THR A 267 12.28 -4.92 7.17
N HIS A 268 12.61 -4.87 8.47
CA HIS A 268 12.29 -5.95 9.40
C HIS A 268 10.77 -6.08 9.52
N ALA A 269 10.00 -4.96 9.48
CA ALA A 269 8.54 -4.99 9.52
C ALA A 269 7.97 -5.78 8.34
N SER A 270 8.49 -5.55 7.11
CA SER A 270 8.04 -6.26 5.90
C SER A 270 8.39 -7.74 5.96
N ALA A 271 9.62 -8.08 6.38
CA ALA A 271 10.03 -9.49 6.53
C ALA A 271 9.13 -10.21 7.55
N ALA A 272 8.86 -9.60 8.72
CA ALA A 272 7.98 -10.19 9.75
C ALA A 272 6.55 -10.39 9.21
N GLN A 273 6.02 -9.40 8.43
CA GLN A 273 4.68 -9.47 7.83
C GLN A 273 4.57 -10.57 6.78
N ARG A 274 5.60 -10.77 5.93
CA ARG A 274 5.65 -11.80 4.88
C ARG A 274 5.73 -13.18 5.54
N ARG A 275 6.60 -13.32 6.55
CA ARG A 275 6.72 -14.56 7.33
C ARG A 275 5.39 -14.88 8.03
N GLY A 276 4.76 -13.83 8.59
CA GLY A 276 3.50 -13.87 9.31
C GLY A 276 2.31 -14.47 8.57
N ARG A 277 2.43 -14.65 7.23
CA ARG A 277 1.34 -15.28 6.44
C ARG A 277 1.14 -16.75 6.85
N ILE A 278 2.19 -17.42 7.36
CA ILE A 278 2.10 -18.83 7.78
C ILE A 278 2.36 -18.94 9.30
N GLY A 279 2.19 -20.15 9.85
CA GLY A 279 2.29 -20.39 11.28
C GLY A 279 1.08 -19.82 12.02
N ARG A 280 -0.06 -19.61 11.31
CA ARG A 280 -1.27 -19.04 11.90
C ARG A 280 -2.26 -20.05 12.50
N ASN A 281 -2.15 -21.34 12.15
CA ASN A 281 -3.08 -22.37 12.67
C ASN A 281 -2.34 -23.13 13.76
N PRO A 282 -2.78 -23.04 15.03
CA PRO A 282 -2.09 -23.78 16.10
C PRO A 282 -2.12 -25.31 15.93
N ASN A 283 -3.08 -25.83 15.15
CA ASN A 283 -3.16 -27.26 14.87
C ASN A 283 -2.25 -27.73 13.74
N LYS A 284 -1.61 -26.81 13.00
CA LYS A 284 -0.70 -27.18 11.91
C LYS A 284 0.70 -26.61 12.12
N PRO A 285 1.50 -27.23 13.01
CA PRO A 285 2.88 -26.76 13.19
C PRO A 285 3.75 -27.20 12.00
N GLY A 286 4.92 -26.60 11.89
CA GLY A 286 5.86 -26.97 10.85
C GLY A 286 5.75 -26.23 9.53
N ASP A 287 4.96 -25.13 9.47
CA ASP A 287 4.91 -24.32 8.24
C ASP A 287 6.32 -23.74 7.99
N GLU A 288 6.74 -23.69 6.74
CA GLU A 288 8.09 -23.25 6.41
C GLU A 288 8.21 -21.81 5.94
N TYR A 289 9.32 -21.15 6.30
CA TYR A 289 9.65 -19.80 5.85
C TYR A 289 11.07 -19.82 5.31
N MET A 290 11.21 -19.75 3.99
CA MET A 290 12.49 -19.75 3.32
C MET A 290 12.79 -18.34 2.90
N TYR A 291 13.87 -17.76 3.42
CA TYR A 291 14.23 -16.39 3.10
C TYR A 291 15.61 -16.30 2.44
N GLY A 292 15.72 -15.43 1.44
CA GLY A 292 16.90 -15.29 0.61
C GLY A 292 17.76 -14.06 0.73
N GLY A 293 17.77 -13.45 1.90
CA GLY A 293 18.60 -12.27 2.14
C GLY A 293 18.32 -11.64 3.47
N GLY A 294 19.11 -10.66 3.85
CA GLY A 294 18.88 -9.95 5.10
C GLY A 294 17.94 -8.76 4.98
N CYS A 295 17.70 -8.09 6.10
CA CYS A 295 16.87 -6.89 6.20
C CYS A 295 17.73 -5.64 6.29
N ALA A 296 17.16 -4.51 5.92
CA ALA A 296 17.83 -3.22 6.02
C ALA A 296 16.78 -2.12 6.21
N GLU A 297 17.18 -0.96 6.75
CA GLU A 297 16.21 0.11 6.94
CA GLU A 297 16.28 0.18 6.97
C GLU A 297 16.10 0.98 5.66
N THR A 298 15.51 0.35 4.62
CA THR A 298 15.33 0.94 3.30
C THR A 298 14.14 1.90 3.18
N ASP A 299 13.41 2.17 4.29
CA ASP A 299 12.36 3.19 4.25
C ASP A 299 12.99 4.59 4.32
N GLU A 300 14.22 4.75 4.84
CA GLU A 300 14.85 6.08 4.90
C GLU A 300 15.15 6.57 3.48
N GLY A 301 14.65 7.75 3.13
CA GLY A 301 14.87 8.31 1.80
C GLY A 301 13.96 7.74 0.73
N HIS A 302 13.02 6.84 1.12
CA HIS A 302 12.06 6.21 0.23
C HIS A 302 11.08 7.37 -0.18
N ALA A 303 10.65 7.46 -1.46
CA ALA A 303 9.81 8.58 -1.92
C ALA A 303 8.42 8.69 -1.25
N HIS A 304 7.85 7.60 -0.70
CA HIS A 304 6.56 7.65 -0.06
C HIS A 304 6.49 8.61 1.12
N TRP A 305 7.59 8.80 1.86
CA TRP A 305 7.58 9.70 3.01
C TRP A 305 7.53 11.19 2.57
N LEU A 306 8.20 11.51 1.47
CA LEU A 306 8.19 12.85 0.89
C LEU A 306 6.77 13.09 0.31
N GLU A 307 6.23 12.09 -0.41
CA GLU A 307 4.87 12.16 -0.95
C GLU A 307 3.83 12.32 0.16
N ALA A 308 4.02 11.71 1.33
CA ALA A 308 3.09 11.87 2.45
C ALA A 308 3.09 13.31 2.93
N ARG A 309 4.27 13.95 2.97
CA ARG A 309 4.40 15.37 3.33
C ARG A 309 3.70 16.27 2.28
N MET A 310 3.72 15.89 0.99
CA MET A 310 3.01 16.63 -0.08
C MET A 310 1.49 16.54 0.17
N LEU A 311 0.98 15.39 0.68
CA LEU A 311 -0.43 15.22 1.00
C LEU A 311 -0.85 16.08 2.25
N LEU A 312 -0.09 15.96 3.37
CA LEU A 312 -0.39 16.66 4.61
C LEU A 312 -0.30 18.17 4.48
N ASP A 313 0.64 18.67 3.67
CA ASP A 313 0.77 20.11 3.41
C ASP A 313 -0.46 20.70 2.74
N ASN A 314 -1.28 19.87 2.07
CA ASN A 314 -2.49 20.31 1.40
C ASN A 314 -3.80 19.85 2.11
N ILE A 315 -3.71 19.49 3.39
CA ILE A 315 -4.88 19.11 4.18
C ILE A 315 -5.11 20.18 5.24
N TYR A 316 -6.32 20.76 5.28
CA TYR A 316 -6.63 21.77 6.30
C TYR A 316 -6.75 21.11 7.68
N LEU A 317 -6.11 21.69 8.68
CA LEU A 317 -6.16 21.15 10.04
C LEU A 317 -6.80 22.19 10.98
N GLN A 318 -6.26 23.41 11.00
CA GLN A 318 -6.74 24.52 11.81
C GLN A 318 -5.96 25.74 11.37
N ASP A 319 -6.63 26.76 10.80
CA ASP A 319 -6.00 27.99 10.30
C ASP A 319 -4.76 27.67 9.39
N GLY A 320 -3.55 28.13 9.75
CA GLY A 320 -2.37 27.84 8.98
C GLY A 320 -1.58 26.62 9.43
N LEU A 321 -2.05 25.93 10.49
CA LEU A 321 -1.36 24.74 11.01
C LEU A 321 -1.35 23.57 10.04
N ILE A 322 -0.25 22.82 10.08
CA ILE A 322 -0.04 21.67 9.20
C ILE A 322 0.28 20.45 10.04
N ALA A 323 -0.31 19.30 9.71
CA ALA A 323 -0.04 18.07 10.45
C ALA A 323 1.38 17.57 10.17
N SER A 324 2.04 17.12 11.23
CA SER A 324 3.33 16.49 11.19
C SER A 324 3.15 15.00 10.95
N LEU A 325 4.22 14.34 10.50
CA LEU A 325 4.22 12.89 10.37
C LEU A 325 4.19 12.28 11.76
N TYR A 326 3.64 11.07 11.91
CA TYR A 326 3.63 10.31 13.16
C TYR A 326 5.09 10.20 13.67
N ARG A 327 5.36 10.65 14.90
CA ARG A 327 6.70 10.77 15.46
C ARG A 327 7.68 9.59 15.14
N PRO A 328 7.38 8.29 15.39
CA PRO A 328 8.38 7.24 15.08
C PRO A 328 8.77 7.13 13.60
N GLU A 329 8.05 7.81 12.68
CA GLU A 329 8.41 7.73 11.26
C GLU A 329 8.74 9.08 10.63
N ALA A 330 8.82 10.14 11.42
CA ALA A 330 9.09 11.48 10.93
C ALA A 330 10.53 11.74 10.42
N ASP A 331 11.53 10.88 10.79
CA ASP A 331 12.91 11.13 10.31
C ASP A 331 13.25 10.46 8.98
N LYS A 332 12.31 9.72 8.40
CA LYS A 332 12.51 9.05 7.11
C LYS A 332 12.57 10.02 5.92
N VAL A 333 12.31 11.32 6.14
CA VAL A 333 12.34 12.31 5.08
C VAL A 333 12.87 13.62 5.62
N ALA A 334 13.71 14.31 4.84
CA ALA A 334 14.20 15.61 5.25
C ALA A 334 13.24 16.59 4.57
N ALA A 335 12.26 17.13 5.29
CA ALA A 335 11.29 18.05 4.68
C ALA A 335 10.76 19.04 5.68
N ILE A 336 10.53 20.28 5.22
CA ILE A 336 9.96 21.36 6.03
C ILE A 336 8.44 21.27 5.92
N GLU A 337 7.71 21.27 7.04
CA GLU A 337 6.24 21.30 6.98
C GLU A 337 5.78 22.61 6.36
N GLY A 338 4.97 22.49 5.31
CA GLY A 338 4.43 23.61 4.56
C GLY A 338 5.08 23.87 3.22
N GLU A 339 6.29 23.33 2.96
CA GLU A 339 6.99 23.62 1.71
C GLU A 339 6.23 23.15 0.44
N PHE A 340 5.32 22.16 0.55
CA PHE A 340 4.53 21.72 -0.61
C PHE A 340 3.08 22.27 -0.60
N LYS A 341 2.81 23.30 0.22
CA LYS A 341 1.46 23.86 0.30
C LYS A 341 1.10 24.60 -0.97
N LEU A 342 0.05 24.13 -1.65
CA LEU A 342 -0.39 24.73 -2.89
C LEU A 342 -1.57 25.68 -2.67
N ARG A 343 -1.71 26.66 -3.57
CA ARG A 343 -2.86 27.57 -3.54
C ARG A 343 -4.12 26.81 -4.03
N THR A 344 -5.31 27.30 -3.67
CA THR A 344 -6.59 26.66 -3.93
C THR A 344 -6.73 25.98 -5.33
N GLU A 345 -6.51 26.73 -6.41
CA GLU A 345 -6.64 26.20 -7.76
C GLU A 345 -5.63 25.11 -8.13
N GLN A 346 -4.36 25.32 -7.83
CA GLN A 346 -3.33 24.30 -8.11
C GLN A 346 -3.56 23.06 -7.22
N ARG A 347 -4.08 23.25 -5.99
CA ARG A 347 -4.36 22.14 -5.09
C ARG A 347 -5.46 21.27 -5.65
N LYS A 348 -6.50 21.89 -6.26
CA LYS A 348 -7.58 21.17 -6.89
C LYS A 348 -7.08 20.34 -8.08
N THR A 349 -6.14 20.88 -8.85
CA THR A 349 -5.53 20.14 -9.95
C THR A 349 -4.72 18.91 -9.39
N PHE A 350 -3.94 19.13 -8.31
CA PHE A 350 -3.10 18.13 -7.64
C PHE A 350 -3.96 16.91 -7.26
N VAL A 351 -5.11 17.17 -6.63
CA VAL A 351 -6.05 16.12 -6.21
C VAL A 351 -6.63 15.38 -7.40
N GLU A 352 -7.07 16.12 -8.43
CA GLU A 352 -7.67 15.51 -9.61
C GLU A 352 -6.67 14.65 -10.42
N LEU A 353 -5.40 15.10 -10.54
CA LEU A 353 -4.34 14.30 -11.19
C LEU A 353 -4.12 12.95 -10.42
N MET A 354 -4.33 12.96 -9.10
CA MET A 354 -4.19 11.74 -8.32
C MET A 354 -5.44 10.88 -8.41
N LYS A 355 -6.58 11.45 -8.07
CA LYS A 355 -7.88 10.78 -8.00
C LYS A 355 -8.37 10.26 -9.37
N ARG A 356 -8.47 11.15 -10.35
CA ARG A 356 -8.91 10.77 -11.68
C ARG A 356 -7.74 10.37 -12.61
N GLY A 357 -6.63 11.13 -12.59
CA GLY A 357 -5.49 10.83 -13.45
C GLY A 357 -4.71 9.58 -13.07
N ASP A 358 -4.88 9.11 -11.81
CA ASP A 358 -4.18 7.93 -11.25
C ASP A 358 -2.64 8.10 -11.31
N LEU A 359 -2.16 9.33 -11.25
CA LEU A 359 -0.74 9.60 -11.26
C LEU A 359 -0.16 9.48 -9.86
N PRO A 360 1.13 9.08 -9.76
CA PRO A 360 1.79 9.07 -8.45
C PRO A 360 1.77 10.49 -7.84
N VAL A 361 1.76 10.55 -6.50
CA VAL A 361 1.74 11.82 -5.76
C VAL A 361 2.85 12.79 -6.25
N TRP A 362 4.09 12.30 -6.35
CA TRP A 362 5.22 13.13 -6.78
C TRP A 362 4.98 13.75 -8.16
N LEU A 363 4.53 12.94 -9.14
CA LEU A 363 4.29 13.40 -10.48
C LEU A 363 3.12 14.43 -10.56
N ALA A 364 2.00 14.15 -9.87
CA ALA A 364 0.83 15.04 -9.75
C ALA A 364 1.29 16.40 -9.16
N TYR A 365 2.15 16.36 -8.14
CA TYR A 365 2.64 17.60 -7.53
C TYR A 365 3.46 18.43 -8.54
N GLN A 366 4.39 17.79 -9.30
CA GLN A 366 5.18 18.54 -10.29
C GLN A 366 4.31 19.23 -11.33
N VAL A 367 3.26 18.52 -11.82
CA VAL A 367 2.38 19.10 -12.83
C VAL A 367 1.55 20.25 -12.24
N ALA A 368 0.87 20.05 -11.10
CA ALA A 368 0.04 21.08 -10.46
C ALA A 368 0.84 22.33 -10.01
N SER A 369 2.02 22.14 -9.36
CA SER A 369 2.84 23.27 -8.93
C SER A 369 3.38 24.11 -10.10
N ALA A 370 3.44 23.53 -11.30
CA ALA A 370 3.87 24.24 -12.50
C ALA A 370 2.73 25.08 -13.16
N GLY A 371 1.54 25.10 -12.54
CA GLY A 371 0.39 25.85 -13.05
C GLY A 371 -0.30 25.23 -14.24
N ILE A 372 -0.15 23.93 -14.42
CA ILE A 372 -0.78 23.22 -15.53
C ILE A 372 -2.15 22.71 -15.10
N THR A 373 -3.17 22.90 -15.94
CA THR A 373 -4.51 22.41 -15.62
C THR A 373 -4.62 20.91 -15.89
N TYR A 374 -5.58 20.26 -15.25
CA TYR A 374 -5.77 18.82 -15.34
C TYR A 374 -5.80 18.26 -16.77
N THR A 375 -6.60 18.87 -17.67
CA THR A 375 -6.76 18.35 -19.03
C THR A 375 -5.61 18.73 -19.98
N ASP A 376 -4.67 19.57 -19.56
CA ASP A 376 -3.55 20.01 -20.41
C ASP A 376 -2.45 18.94 -20.37
N ARG A 377 -2.31 18.16 -21.46
CA ARG A 377 -1.37 17.05 -21.57
C ARG A 377 -0.10 17.35 -22.39
N ARG A 378 0.12 18.61 -22.78
CA ARG A 378 1.32 18.98 -23.54
C ARG A 378 2.65 18.56 -22.83
N TRP A 379 2.70 18.62 -21.49
CA TRP A 379 3.87 18.16 -20.73
C TRP A 379 4.26 16.68 -20.97
N CYS A 380 3.29 15.83 -21.41
CA CYS A 380 3.62 14.40 -21.65
C CYS A 380 4.53 14.19 -22.85
N PHE A 381 4.73 15.21 -23.68
CA PHE A 381 5.45 15.10 -24.93
C PHE A 381 6.62 16.04 -25.12
N ASP A 382 6.84 17.01 -24.21
CA ASP A 382 7.89 18.00 -24.42
C ASP A 382 9.09 17.91 -23.47
N GLY A 383 9.35 16.73 -22.91
CA GLY A 383 10.53 16.55 -22.07
C GLY A 383 11.79 16.32 -22.90
N THR A 384 12.95 16.13 -22.26
CA THR A 384 14.20 15.86 -22.97
C THR A 384 14.20 14.45 -23.55
N THR A 385 15.00 14.18 -24.60
CA THR A 385 15.07 12.84 -25.23
C THR A 385 15.43 11.75 -24.20
N ASN A 386 16.16 12.10 -23.11
CA ASN A 386 16.49 11.08 -22.10
C ASN A 386 15.26 10.67 -21.24
N ASN A 387 14.15 11.44 -21.32
CA ASN A 387 12.90 11.11 -20.67
C ASN A 387 11.96 10.28 -21.57
N THR A 388 12.41 9.85 -22.78
CA THR A 388 11.62 9.02 -23.70
C THR A 388 11.25 7.71 -23.00
N ILE A 389 9.96 7.39 -22.93
CA ILE A 389 9.52 6.14 -22.34
C ILE A 389 9.64 5.06 -23.41
N MET A 390 10.24 3.92 -23.07
CA MET A 390 10.45 2.82 -24.02
C MET A 390 9.48 1.64 -23.81
N GLU A 391 8.99 1.08 -24.92
CA GLU A 391 8.12 -0.09 -24.87
CA GLU A 391 8.10 -0.08 -24.88
C GLU A 391 8.69 -1.15 -25.79
N ASP A 392 9.19 -2.26 -25.23
CA ASP A 392 9.79 -3.35 -26.00
C ASP A 392 11.06 -2.86 -26.74
N SER A 393 11.85 -1.99 -26.09
CA SER A 393 13.10 -1.42 -26.58
C SER A 393 12.96 -0.45 -27.76
N VAL A 394 11.74 0.07 -27.99
CA VAL A 394 11.47 1.08 -29.03
C VAL A 394 10.64 2.21 -28.39
N PRO A 395 10.89 3.51 -28.70
CA PRO A 395 10.11 4.58 -28.04
C PRO A 395 8.60 4.39 -28.10
N ALA A 396 7.91 4.55 -26.96
CA ALA A 396 6.45 4.38 -26.93
C ALA A 396 5.77 5.51 -27.68
N GLU A 397 4.70 5.19 -28.38
CA GLU A 397 3.95 6.18 -29.16
C GLU A 397 2.48 6.23 -28.78
N VAL A 398 1.88 7.44 -28.84
CA VAL A 398 0.45 7.64 -28.59
C VAL A 398 -0.13 8.64 -29.61
N TRP A 399 -1.45 8.53 -29.89
CA TRP A 399 -2.11 9.54 -30.70
C TRP A 399 -2.62 10.55 -29.71
N THR A 400 -2.18 11.79 -29.83
CA THR A 400 -2.64 12.87 -28.94
C THR A 400 -4.14 13.17 -29.15
N LYS A 401 -4.73 13.96 -28.23
CA LYS A 401 -6.10 14.43 -28.33
C LYS A 401 -6.32 15.32 -29.59
N TYR A 402 -5.23 15.80 -30.22
CA TYR A 402 -5.24 16.56 -31.48
C TYR A 402 -5.21 15.70 -32.76
N GLY A 403 -5.02 14.39 -32.61
CA GLY A 403 -4.98 13.46 -33.73
C GLY A 403 -3.59 13.29 -34.34
N GLU A 404 -2.55 13.72 -33.63
CA GLU A 404 -1.18 13.64 -34.08
C GLU A 404 -0.46 12.48 -33.33
N LYS A 405 0.40 11.69 -34.02
CA LYS A 405 1.16 10.62 -33.37
C LYS A 405 2.45 11.17 -32.78
N ARG A 406 2.62 11.07 -31.46
CA ARG A 406 3.80 11.59 -30.79
C ARG A 406 4.49 10.57 -29.90
N VAL A 407 5.80 10.73 -29.72
CA VAL A 407 6.60 9.89 -28.83
C VAL A 407 6.32 10.37 -27.40
N LEU A 408 6.06 9.42 -26.51
CA LEU A 408 5.84 9.69 -25.11
C LEU A 408 7.19 10.11 -24.49
N LYS A 409 7.26 11.34 -24.03
CA LYS A 409 8.50 11.92 -23.53
C LYS A 409 8.14 12.94 -22.46
N PRO A 410 7.74 12.46 -21.26
CA PRO A 410 7.27 13.40 -20.23
C PRO A 410 8.28 14.39 -19.72
N ARG A 411 7.83 15.64 -19.45
CA ARG A 411 8.66 16.71 -18.92
C ARG A 411 9.30 16.26 -17.58
N TRP A 412 8.50 15.56 -16.74
CA TRP A 412 8.97 14.98 -15.48
C TRP A 412 8.81 13.48 -15.62
N MET A 413 9.86 12.77 -15.30
CA MET A 413 9.91 11.35 -15.48
C MET A 413 9.78 10.59 -14.14
N ASP A 414 8.74 9.75 -14.04
CA ASP A 414 8.51 8.95 -12.83
C ASP A 414 8.39 7.50 -13.32
N ALA A 415 9.39 6.66 -12.98
CA ALA A 415 9.44 5.26 -13.40
C ALA A 415 8.20 4.45 -13.05
N ARG A 416 7.38 4.90 -12.07
CA ARG A 416 6.17 4.15 -11.71
C ARG A 416 5.09 4.17 -12.79
N VAL A 417 5.10 5.17 -13.67
CA VAL A 417 4.10 5.23 -14.75
C VAL A 417 4.40 4.24 -15.89
N CYS A 418 5.58 3.61 -15.92
CA CYS A 418 5.91 2.64 -16.96
C CYS A 418 6.69 1.42 -16.40
N SER A 419 6.50 1.09 -15.11
CA SER A 419 7.17 -0.02 -14.43
C SER A 419 6.69 -1.41 -14.88
N ASP A 420 5.50 -1.48 -15.48
CA ASP A 420 4.94 -2.72 -16.03
C ASP A 420 4.01 -2.38 -17.20
N HIS A 421 3.58 -3.40 -17.97
CA HIS A 421 2.68 -3.20 -19.12
C HIS A 421 1.37 -2.50 -18.72
N ALA A 422 0.73 -2.90 -17.60
CA ALA A 422 -0.52 -2.28 -17.14
C ALA A 422 -0.32 -0.78 -16.82
N ALA A 423 0.75 -0.43 -16.06
CA ALA A 423 1.03 0.98 -15.72
C ALA A 423 1.28 1.79 -17.00
N LEU A 424 2.13 1.31 -17.94
CA LEU A 424 2.42 2.02 -19.18
C LEU A 424 1.14 2.21 -20.03
N LYS A 425 0.27 1.17 -20.09
CA LYS A 425 -1.00 1.24 -20.84
C LYS A 425 -1.88 2.37 -20.26
N SER A 426 -1.96 2.48 -18.92
CA SER A 426 -2.73 3.50 -18.26
C SER A 426 -2.12 4.91 -18.50
N PHE A 427 -0.78 5.02 -18.53
CA PHE A 427 -0.15 6.32 -18.76
C PHE A 427 -0.33 6.78 -20.20
N LYS A 428 -0.34 5.81 -21.16
CA LYS A 428 -0.58 6.12 -22.57
C LYS A 428 -1.97 6.71 -22.75
N GLU A 429 -2.99 6.13 -22.07
CA GLU A 429 -4.36 6.62 -22.10
C GLU A 429 -4.44 8.02 -21.49
N PHE A 430 -3.69 8.27 -20.40
CA PHE A 430 -3.65 9.61 -19.80
C PHE A 430 -3.06 10.64 -20.79
N ALA A 431 -1.88 10.33 -21.36
CA ALA A 431 -1.21 11.23 -22.31
C ALA A 431 -2.07 11.55 -23.55
N ALA A 432 -2.92 10.58 -23.95
CA ALA A 432 -3.82 10.77 -25.09
C ALA A 432 -5.10 11.61 -24.73
N GLY A 433 -5.31 11.89 -23.45
CA GLY A 433 -6.49 12.60 -22.96
C GLY A 433 -7.71 11.71 -22.81
N LYS A 434 -7.51 10.41 -22.59
CA LYS A 434 -8.61 9.45 -22.45
C LYS A 434 -9.31 9.49 -21.07
N ARG A 435 -8.69 10.14 -20.07
CA ARG A 435 -9.34 10.31 -18.76
C ARG A 435 -8.93 11.63 -18.10
#